data_7ICD
#
_entry.id   7ICD
#
_cell.length_a   105.100
_cell.length_b   105.100
_cell.length_c   150.300
_cell.angle_alpha   90.00
_cell.angle_beta   90.00
_cell.angle_gamma   90.00
#
_symmetry.space_group_name_H-M   'P 43 21 2'
#
loop_
_entity.id
_entity.type
_entity.pdbx_description
1 polymer 'ISOCITRATE DEHYDROGENASE'
2 water water
#
_entity_poly.entity_id   1
_entity_poly.type   'polypeptide(L)'
_entity_poly.pdbx_seq_one_letter_code
;MESKVVVPAQGKKITLQNGKLNVPENPIIPYIEGDGIGVDVTPAMLKVVDAAVEKAYKGERKISWMEIYTGEKSTQVYGQ
DVWLPAETLDLIREYRVAIKGPLTTPVGGGIRELNVALRQELDLYICLRPVRYYQGTPSPVKHPELTDMVIFRENSEDIY
AGIEWKADSADAEKVIKFLREEMGVKKIRFPEHCGIGIKPCSEEGTKRLVRAAIEYAIANDRDSVTLVHKGNIMKFTEGA
FKDWGYQLAREEFGGELIDGGPWLKVKNPNTGKEIVIKDVIADAFLQQILLRPAEYDVIACMNLNGDYISDALAAQVGGI
GIAPGANIGDECALFEATHGTAPKYAGQDKVNPGSIILSAEMMLRHMGWTEAADLIVKGMEGAINAKTVTYDFERLMDGA
KLLKCSEFGDAIIENM
;
_entity_poly.pdbx_strand_id   A
#
# COMPACT_ATOMS: atom_id res chain seq x y z
N SER A 3 9.38 -25.11 -6.77
CA SER A 3 10.57 -25.91 -7.04
C SER A 3 11.53 -25.85 -5.85
N LYS A 4 11.65 -24.70 -5.19
CA LYS A 4 12.24 -24.75 -3.86
C LYS A 4 11.16 -24.39 -2.84
N VAL A 5 9.92 -24.10 -3.29
CA VAL A 5 8.89 -23.86 -2.31
C VAL A 5 8.23 -25.21 -2.05
N VAL A 6 8.00 -25.41 -0.76
CA VAL A 6 7.31 -26.58 -0.23
C VAL A 6 5.86 -26.20 0.03
N VAL A 7 4.96 -26.66 -0.84
CA VAL A 7 3.54 -26.35 -0.65
C VAL A 7 2.95 -27.22 0.49
N PRO A 8 2.20 -26.70 1.49
CA PRO A 8 1.72 -27.43 2.68
C PRO A 8 0.84 -28.63 2.36
N ALA A 9 1.05 -29.77 3.07
CA ALA A 9 0.29 -31.01 2.85
C ALA A 9 -1.19 -30.86 3.18
N GLN A 10 -1.46 -30.25 4.35
CA GLN A 10 -2.80 -29.80 4.71
C GLN A 10 -3.00 -28.42 4.08
N GLY A 11 -4.18 -27.89 3.86
CA GLY A 11 -4.31 -26.61 3.23
C GLY A 11 -4.86 -26.74 1.83
N LYS A 12 -5.60 -25.72 1.44
CA LYS A 12 -6.37 -25.71 0.23
C LYS A 12 -6.22 -24.33 -0.40
N LYS A 13 -6.13 -24.20 -1.73
CA LYS A 13 -6.05 -22.91 -2.40
C LYS A 13 -7.29 -22.05 -2.34
N ILE A 14 -7.16 -20.75 -2.08
CA ILE A 14 -8.24 -19.79 -2.23
C ILE A 14 -8.56 -19.77 -3.73
N THR A 15 -9.83 -19.53 -4.06
CA THR A 15 -10.32 -19.60 -5.43
C THR A 15 -11.03 -18.32 -5.77
N LEU A 16 -10.96 -17.93 -7.03
CA LEU A 16 -11.65 -16.72 -7.51
C LEU A 16 -12.76 -17.25 -8.39
N GLN A 17 -13.97 -17.11 -7.84
CA GLN A 17 -15.16 -17.56 -8.54
C GLN A 17 -15.92 -16.30 -8.95
N ASN A 18 -15.32 -15.76 -10.02
CA ASN A 18 -15.74 -14.53 -10.70
C ASN A 18 -16.00 -13.36 -9.77
N GLY A 19 -14.93 -12.59 -9.62
CA GLY A 19 -14.96 -11.42 -8.75
C GLY A 19 -14.98 -11.76 -7.25
N LYS A 20 -15.40 -12.97 -6.84
CA LYS A 20 -15.48 -13.25 -5.41
C LYS A 20 -14.52 -14.34 -4.95
N LEU A 21 -13.85 -14.06 -3.84
CA LEU A 21 -12.99 -15.04 -3.27
C LEU A 21 -13.82 -16.06 -2.49
N ASN A 22 -13.44 -17.29 -2.70
CA ASN A 22 -14.02 -18.37 -1.99
C ASN A 22 -12.86 -18.93 -1.20
N VAL A 23 -12.88 -18.58 0.08
CA VAL A 23 -11.80 -18.93 0.98
C VAL A 23 -12.10 -20.22 1.75
N PRO A 24 -11.34 -21.29 1.62
CA PRO A 24 -11.42 -22.46 2.49
C PRO A 24 -11.18 -22.18 3.97
N GLU A 25 -11.49 -23.10 4.87
CA GLU A 25 -11.22 -22.95 6.29
C GLU A 25 -9.73 -23.17 6.63
N ASN A 26 -9.02 -23.89 5.77
CA ASN A 26 -7.60 -24.01 5.94
C ASN A 26 -6.93 -23.53 4.63
N PRO A 27 -6.96 -22.22 4.29
CA PRO A 27 -6.33 -21.70 3.08
C PRO A 27 -4.78 -21.68 3.19
N ILE A 28 -4.13 -21.91 2.05
CA ILE A 28 -2.68 -21.76 2.00
C ILE A 28 -2.40 -20.29 1.68
N ILE A 29 -1.74 -19.57 2.62
CA ILE A 29 -1.34 -18.19 2.32
C ILE A 29 0.15 -18.17 2.03
N PRO A 30 0.66 -17.86 0.84
CA PRO A 30 2.08 -17.50 0.63
C PRO A 30 2.58 -16.27 1.42
N TYR A 31 3.75 -16.44 2.07
CA TYR A 31 4.37 -15.25 2.63
C TYR A 31 5.84 -15.10 2.22
N ILE A 32 6.28 -13.87 1.94
CA ILE A 32 7.71 -13.59 1.70
C ILE A 32 8.22 -12.96 2.98
N GLU A 33 9.08 -13.69 3.69
CA GLU A 33 9.70 -13.21 4.92
C GLU A 33 10.26 -11.78 4.87
N GLY A 34 10.88 -11.40 3.75
CA GLY A 34 11.52 -10.10 3.66
C GLY A 34 13.00 -10.16 4.09
N ASP A 35 13.71 -9.14 3.64
CA ASP A 35 15.11 -8.96 3.99
C ASP A 35 15.24 -8.06 5.19
N GLY A 36 16.43 -7.92 5.75
CA GLY A 36 16.62 -7.06 6.92
C GLY A 36 15.86 -7.53 8.13
N ILE A 37 15.13 -6.56 8.72
CA ILE A 37 14.24 -6.73 9.87
C ILE A 37 12.99 -7.60 9.59
N GLY A 38 12.75 -7.99 8.32
CA GLY A 38 11.76 -8.98 7.95
C GLY A 38 11.93 -10.26 8.75
N VAL A 39 13.17 -10.67 9.01
CA VAL A 39 13.48 -11.84 9.83
C VAL A 39 13.01 -11.68 11.29
N ASP A 40 12.69 -10.45 11.70
CA ASP A 40 12.16 -10.17 13.03
C ASP A 40 10.66 -9.96 13.03
N VAL A 41 10.16 -9.15 12.09
CA VAL A 41 8.76 -8.77 12.04
C VAL A 41 7.86 -9.88 11.50
N THR A 42 8.26 -10.64 10.50
CA THR A 42 7.45 -11.70 9.96
C THR A 42 7.18 -12.84 10.96
N PRO A 43 8.08 -13.38 11.79
CA PRO A 43 7.73 -14.29 12.87
C PRO A 43 6.70 -13.71 13.81
N ALA A 44 6.76 -12.39 14.01
CA ALA A 44 5.81 -11.83 14.97
C ALA A 44 4.41 -11.75 14.34
N MET A 45 4.34 -11.54 13.04
CA MET A 45 3.05 -11.48 12.41
C MET A 45 2.41 -12.88 12.29
N LEU A 46 3.21 -13.92 12.03
CA LEU A 46 2.67 -15.24 11.90
C LEU A 46 2.07 -15.70 13.20
N LYS A 47 2.73 -15.39 14.31
CA LYS A 47 2.25 -15.68 15.66
C LYS A 47 1.01 -14.87 16.02
N VAL A 48 0.84 -13.57 15.63
CA VAL A 48 -0.39 -12.90 16.04
C VAL A 48 -1.54 -13.22 15.14
N VAL A 49 -1.36 -13.45 13.83
CA VAL A 49 -2.47 -13.79 12.94
C VAL A 49 -3.00 -15.14 13.39
N ASP A 50 -2.12 -16.13 13.64
CA ASP A 50 -2.47 -17.40 14.20
C ASP A 50 -3.30 -17.37 15.47
N ALA A 51 -2.86 -16.60 16.46
CA ALA A 51 -3.57 -16.44 17.69
C ALA A 51 -4.92 -15.79 17.39
N ALA A 52 -4.97 -14.81 16.48
CA ALA A 52 -6.25 -14.22 16.15
C ALA A 52 -7.11 -15.24 15.39
N VAL A 53 -6.64 -16.19 14.50
CA VAL A 53 -7.66 -16.97 13.88
C VAL A 53 -8.02 -18.11 14.84
N GLU A 54 -7.12 -18.48 15.76
CA GLU A 54 -7.39 -19.42 16.82
C GLU A 54 -8.45 -18.89 17.76
N LYS A 55 -8.45 -17.61 18.07
CA LYS A 55 -9.39 -17.11 19.03
C LYS A 55 -10.75 -16.81 18.38
N ALA A 56 -10.77 -16.28 17.17
CA ALA A 56 -12.01 -15.94 16.51
C ALA A 56 -12.82 -17.16 16.11
N TYR A 57 -12.21 -18.22 15.59
CA TYR A 57 -13.04 -19.28 15.08
C TYR A 57 -12.91 -20.56 15.85
N LYS A 58 -12.39 -20.41 17.06
CA LYS A 58 -12.24 -21.50 17.99
C LYS A 58 -11.66 -22.80 17.42
N GLY A 59 -10.61 -22.78 16.59
CA GLY A 59 -10.07 -24.02 16.02
C GLY A 59 -10.62 -24.44 14.67
N GLU A 60 -11.72 -23.87 14.22
CA GLU A 60 -12.32 -24.28 12.96
C GLU A 60 -11.54 -23.90 11.74
N ARG A 61 -10.90 -22.74 11.80
CA ARG A 61 -10.02 -22.28 10.74
C ARG A 61 -8.54 -22.23 11.12
N LYS A 62 -7.70 -22.45 10.15
CA LYS A 62 -6.26 -22.36 10.33
C LYS A 62 -5.61 -21.95 9.03
N ILE A 63 -4.60 -21.07 9.09
CA ILE A 63 -3.80 -20.72 7.91
C ILE A 63 -2.59 -21.62 7.77
N SER A 64 -2.44 -22.11 6.54
CA SER A 64 -1.29 -22.90 6.11
C SER A 64 -0.29 -22.00 5.36
N TRP A 65 0.66 -21.46 6.13
CA TRP A 65 1.70 -20.58 5.62
C TRP A 65 2.65 -21.31 4.70
N MET A 66 2.90 -20.71 3.54
CA MET A 66 3.83 -21.27 2.57
C MET A 66 4.81 -20.16 2.19
N GLU A 67 6.07 -20.33 2.64
CA GLU A 67 7.14 -19.39 2.33
C GLU A 67 7.59 -19.39 0.85
N ILE A 68 7.49 -18.21 0.22
CA ILE A 68 7.96 -18.04 -1.14
C ILE A 68 9.09 -17.01 -1.09
N TYR A 69 9.84 -16.81 -2.15
CA TYR A 69 11.10 -16.07 -2.07
C TYR A 69 11.29 -14.91 -2.99
N THR A 70 11.72 -13.76 -2.46
CA THR A 70 12.09 -12.61 -3.27
C THR A 70 13.18 -11.81 -2.56
N GLY A 71 13.98 -11.10 -3.36
CA GLY A 71 15.05 -10.28 -2.81
C GLY A 71 16.28 -11.10 -2.42
N GLU A 72 16.86 -10.65 -1.31
CA GLU A 72 18.13 -11.17 -0.88
C GLU A 72 18.01 -12.61 -0.50
N LYS A 73 16.91 -13.00 0.15
CA LYS A 73 16.76 -14.39 0.51
C LYS A 73 16.55 -15.29 -0.70
N SER A 74 15.97 -14.76 -1.78
CA SER A 74 15.81 -15.51 -3.03
C SER A 74 17.16 -15.87 -3.64
N THR A 75 18.25 -15.13 -3.35
CA THR A 75 19.54 -15.44 -3.96
C THR A 75 20.29 -16.47 -3.13
N GLN A 76 19.97 -16.58 -1.84
CA GLN A 76 20.53 -17.61 -1.01
C GLN A 76 19.89 -18.95 -1.20
N VAL A 77 18.78 -19.03 -1.93
CA VAL A 77 17.98 -20.25 -2.08
C VAL A 77 18.04 -20.66 -3.55
N TYR A 78 17.91 -19.72 -4.49
CA TYR A 78 18.00 -20.08 -5.90
C TYR A 78 19.32 -19.73 -6.56
N GLY A 79 20.30 -19.13 -5.89
CA GLY A 79 21.52 -18.72 -6.56
C GLY A 79 21.59 -17.20 -6.66
N GLN A 80 22.84 -16.72 -6.48
CA GLN A 80 23.19 -15.30 -6.41
C GLN A 80 22.58 -14.33 -7.42
N ASP A 81 22.17 -14.83 -8.59
CA ASP A 81 21.62 -13.99 -9.64
C ASP A 81 20.12 -13.72 -9.60
N VAL A 82 19.32 -14.54 -8.93
CA VAL A 82 17.88 -14.42 -9.05
C VAL A 82 17.27 -13.76 -7.82
N TRP A 83 16.89 -12.53 -8.11
CA TRP A 83 16.30 -11.67 -7.11
C TRP A 83 14.76 -11.80 -7.08
N LEU A 84 14.14 -12.02 -8.25
CA LEU A 84 12.72 -12.26 -8.37
C LEU A 84 12.46 -13.52 -9.21
N PRO A 85 12.37 -14.71 -8.62
CA PRO A 85 12.00 -15.94 -9.31
C PRO A 85 10.65 -15.81 -10.02
N ALA A 86 10.57 -16.30 -11.26
CA ALA A 86 9.34 -16.31 -12.02
C ALA A 86 8.29 -17.12 -11.31
N GLU A 87 8.65 -18.08 -10.45
CA GLU A 87 7.61 -18.82 -9.76
C GLU A 87 6.96 -18.04 -8.66
N THR A 88 7.58 -17.01 -8.09
CA THR A 88 6.94 -16.17 -7.08
C THR A 88 5.73 -15.47 -7.69
N LEU A 89 5.84 -15.07 -8.95
CA LEU A 89 4.73 -14.42 -9.63
C LEU A 89 3.61 -15.42 -9.95
N ASP A 90 3.94 -16.69 -10.27
CA ASP A 90 2.92 -17.71 -10.48
C ASP A 90 2.25 -18.06 -9.17
N LEU A 91 3.00 -18.36 -8.11
CA LEU A 91 2.43 -18.65 -6.80
C LEU A 91 1.57 -17.55 -6.22
N ILE A 92 1.85 -16.26 -6.47
CA ILE A 92 0.99 -15.23 -5.91
C ILE A 92 -0.29 -15.20 -6.73
N ARG A 93 -0.15 -15.29 -8.06
CA ARG A 93 -1.22 -15.39 -9.05
C ARG A 93 -2.23 -16.48 -8.66
N GLU A 94 -1.67 -17.67 -8.38
CA GLU A 94 -2.34 -18.93 -8.11
C GLU A 94 -3.01 -19.00 -6.77
N TYR A 95 -2.34 -18.60 -5.69
CA TYR A 95 -2.93 -18.69 -4.38
C TYR A 95 -3.69 -17.46 -3.99
N ARG A 96 -3.74 -16.44 -4.87
CA ARG A 96 -4.55 -15.23 -4.75
C ARG A 96 -4.24 -14.16 -3.70
N VAL A 97 -3.84 -14.54 -2.50
CA VAL A 97 -3.47 -13.54 -1.55
C VAL A 97 -2.17 -13.99 -0.89
N ALA A 98 -1.32 -12.96 -0.75
CA ALA A 98 0.01 -13.11 -0.13
C ALA A 98 0.36 -11.89 0.73
N ILE A 99 1.25 -12.18 1.67
CA ILE A 99 1.76 -11.10 2.50
C ILE A 99 3.29 -11.11 2.47
N LYS A 100 3.93 -9.94 2.58
CA LYS A 100 5.37 -9.85 2.50
C LYS A 100 6.00 -8.81 3.40
N GLY A 101 7.26 -9.11 3.76
CA GLY A 101 8.11 -8.22 4.56
C GLY A 101 8.84 -7.18 3.68
N PRO A 102 9.77 -6.37 4.23
CA PRO A 102 10.51 -5.40 3.41
C PRO A 102 11.54 -6.09 2.52
N LEU A 103 11.72 -5.59 1.31
CA LEU A 103 12.67 -6.10 0.32
C LEU A 103 13.91 -5.19 0.14
N THR A 104 15.04 -5.83 -0.15
CA THR A 104 16.29 -5.15 -0.55
C THR A 104 16.38 -5.21 -2.07
N THR A 105 16.46 -4.06 -2.74
CA THR A 105 16.85 -4.08 -4.15
C THR A 105 18.35 -3.78 -4.19
N PRO A 106 19.20 -4.56 -4.90
CA PRO A 106 20.64 -4.30 -5.02
C PRO A 106 21.03 -3.11 -5.91
N VAL A 107 22.15 -2.41 -5.62
CA VAL A 107 22.59 -1.41 -6.60
C VAL A 107 23.86 -1.95 -7.25
N GLY A 108 24.09 -1.62 -8.51
CA GLY A 108 25.28 -2.12 -9.20
C GLY A 108 24.96 -3.16 -10.28
N GLY A 109 23.76 -3.77 -10.21
CA GLY A 109 23.39 -4.80 -11.17
C GLY A 109 22.27 -4.45 -12.13
N GLY A 110 21.95 -3.14 -12.31
CA GLY A 110 20.85 -2.71 -13.19
C GLY A 110 19.44 -3.20 -12.76
N ILE A 111 19.22 -3.55 -11.49
CA ILE A 111 17.91 -4.02 -11.08
C ILE A 111 17.03 -2.94 -10.47
N ARG A 112 15.85 -2.81 -11.11
CA ARG A 112 14.77 -1.93 -10.63
C ARG A 112 14.04 -2.42 -9.36
N GLU A 113 13.60 -1.43 -8.57
CA GLU A 113 12.98 -1.57 -7.24
C GLU A 113 12.00 -2.71 -7.16
N LEU A 114 12.33 -3.83 -6.46
CA LEU A 114 11.54 -5.05 -6.48
C LEU A 114 10.11 -4.91 -6.00
N ASN A 115 9.83 -4.02 -5.00
CA ASN A 115 8.45 -3.69 -4.67
C ASN A 115 7.69 -3.17 -5.85
N VAL A 116 8.26 -2.23 -6.58
CA VAL A 116 7.57 -1.78 -7.75
C VAL A 116 7.54 -2.91 -8.77
N ALA A 117 8.44 -3.87 -8.89
CA ALA A 117 8.38 -4.86 -9.97
C ALA A 117 7.25 -5.89 -9.73
N LEU A 118 6.97 -6.17 -8.44
CA LEU A 118 5.90 -7.07 -8.07
C LEU A 118 4.58 -6.43 -8.48
N ARG A 119 4.40 -5.15 -8.15
CA ARG A 119 3.14 -4.45 -8.42
C ARG A 119 2.90 -4.34 -9.91
N GLN A 120 3.92 -4.18 -10.74
CA GLN A 120 3.72 -4.08 -12.18
C GLN A 120 3.63 -5.44 -12.86
N GLU A 121 4.36 -6.43 -12.38
CA GLU A 121 4.37 -7.73 -13.00
C GLU A 121 3.09 -8.52 -12.72
N LEU A 122 2.46 -8.26 -11.58
CA LEU A 122 1.16 -8.83 -11.28
C LEU A 122 0.05 -7.86 -11.58
N ASP A 123 0.24 -6.63 -12.09
CA ASP A 123 -0.83 -5.69 -12.28
C ASP A 123 -1.76 -5.42 -11.10
N LEU A 124 -1.13 -5.27 -9.94
CA LEU A 124 -1.75 -4.89 -8.70
C LEU A 124 -1.85 -3.35 -8.77
N TYR A 125 -2.84 -2.83 -9.51
CA TYR A 125 -2.97 -1.41 -9.81
C TYR A 125 -3.49 -0.51 -8.70
N ILE A 126 -3.92 -1.09 -7.58
CA ILE A 126 -4.34 -0.32 -6.42
C ILE A 126 -3.30 -0.49 -5.33
N CYS A 127 -2.77 0.64 -4.90
CA CYS A 127 -1.98 0.61 -3.68
C CYS A 127 -2.91 1.23 -2.66
N LEU A 128 -3.36 0.40 -1.72
CA LEU A 128 -4.26 0.90 -0.72
C LEU A 128 -3.58 1.10 0.63
N ARG A 129 -3.60 2.38 1.02
CA ARG A 129 -3.01 2.85 2.26
C ARG A 129 -3.95 3.53 3.25
N PRO A 130 -4.41 2.85 4.27
CA PRO A 130 -5.26 3.44 5.29
C PRO A 130 -4.50 4.08 6.44
N VAL A 131 -4.64 5.37 6.74
CA VAL A 131 -3.98 5.88 7.94
C VAL A 131 -4.97 6.55 8.82
N ARG A 132 -4.89 5.99 10.00
CA ARG A 132 -5.69 6.50 11.06
C ARG A 132 -4.81 6.59 12.29
N TYR A 133 -5.23 7.37 13.27
CA TYR A 133 -4.48 7.47 14.51
C TYR A 133 -4.84 6.38 15.50
N TYR A 134 -3.86 5.68 16.04
CA TYR A 134 -4.03 4.81 17.16
C TYR A 134 -3.69 5.63 18.40
N GLN A 135 -4.78 5.76 19.16
CA GLN A 135 -4.81 6.46 20.43
C GLN A 135 -3.69 6.09 21.37
N GLY A 136 -3.05 7.19 21.72
CA GLY A 136 -1.91 7.08 22.59
C GLY A 136 -0.59 6.92 21.87
N THR A 137 -0.48 6.96 20.52
CA THR A 137 0.86 6.86 19.93
C THR A 137 1.47 8.26 19.88
N PRO A 138 2.77 8.46 20.16
CA PRO A 138 3.46 9.76 20.01
C PRO A 138 3.40 10.28 18.60
N SER A 139 2.98 11.54 18.56
CA SER A 139 2.80 12.29 17.33
C SER A 139 3.55 13.63 17.33
N PRO A 140 4.05 14.11 16.19
CA PRO A 140 4.63 15.44 16.09
C PRO A 140 3.65 16.59 16.00
N VAL A 141 2.39 16.30 15.75
CA VAL A 141 1.34 17.31 15.60
C VAL A 141 0.42 17.37 16.81
N LYS A 142 -0.26 18.50 16.90
CA LYS A 142 -1.25 18.76 17.94
C LYS A 142 -2.48 17.81 17.94
N HIS A 143 -3.07 17.56 16.78
CA HIS A 143 -4.31 16.80 16.73
C HIS A 143 -4.30 15.60 15.80
N PRO A 144 -3.44 14.58 15.99
CA PRO A 144 -3.36 13.40 15.09
C PRO A 144 -4.67 12.60 14.95
N GLU A 145 -5.53 12.74 15.97
CA GLU A 145 -6.79 12.03 15.98
C GLU A 145 -7.74 12.53 14.88
N LEU A 146 -7.62 13.76 14.41
CA LEU A 146 -8.43 14.25 13.29
C LEU A 146 -8.09 13.55 11.98
N THR A 147 -7.07 12.70 11.92
CA THR A 147 -6.74 12.08 10.66
C THR A 147 -7.24 10.65 10.60
N ASP A 148 -8.00 10.44 9.52
CA ASP A 148 -8.54 9.14 9.22
C ASP A 148 -8.85 9.16 7.72
N MET A 149 -7.82 8.75 6.97
CA MET A 149 -7.87 8.75 5.53
C MET A 149 -7.53 7.38 4.97
N VAL A 150 -8.00 7.12 3.77
CA VAL A 150 -7.73 5.91 3.04
C VAL A 150 -7.18 6.35 1.68
N ILE A 151 -5.95 5.91 1.32
CA ILE A 151 -5.30 6.36 0.10
C ILE A 151 -5.38 5.23 -0.92
N PHE A 152 -5.92 5.67 -2.06
CA PHE A 152 -5.98 4.91 -3.26
C PHE A 152 -5.02 5.60 -4.21
N ARG A 153 -3.88 4.90 -4.33
CA ARG A 153 -2.74 5.27 -5.14
C ARG A 153 -2.66 4.35 -6.32
N GLU A 154 -2.58 4.94 -7.51
CA GLU A 154 -2.50 4.19 -8.76
C GLU A 154 -1.10 3.57 -8.85
N ASN A 155 -1.00 2.26 -9.01
CA ASN A 155 0.26 1.57 -9.03
C ASN A 155 0.85 1.21 -10.35
N SER A 156 0.30 1.46 -11.53
CA SER A 156 0.80 0.83 -12.77
C SER A 156 1.34 1.76 -13.83
N GLU A 157 1.09 3.04 -13.64
CA GLU A 157 1.52 4.04 -14.58
C GLU A 157 2.42 5.10 -13.85
N ASP A 158 2.41 6.37 -14.32
CA ASP A 158 3.17 7.51 -13.84
C ASP A 158 4.65 7.35 -14.17
N ILE A 159 5.45 8.34 -13.76
CA ILE A 159 6.90 8.40 -13.88
C ILE A 159 7.56 7.21 -13.20
N TYR A 160 6.84 6.59 -12.25
CA TYR A 160 7.21 5.40 -11.52
C TYR A 160 7.33 4.14 -12.39
N ALA A 161 6.87 4.11 -13.65
CA ALA A 161 6.99 2.93 -14.50
C ALA A 161 8.41 2.62 -14.94
N GLY A 162 9.33 3.62 -14.79
CA GLY A 162 10.77 3.52 -14.98
C GLY A 162 11.20 3.42 -16.42
N ILE A 163 10.54 4.30 -17.18
CA ILE A 163 10.78 4.52 -18.61
C ILE A 163 11.67 5.78 -18.67
N GLU A 164 12.97 5.51 -18.80
CA GLU A 164 13.98 6.56 -18.77
C GLU A 164 15.29 6.17 -19.35
N TRP A 165 16.05 7.18 -19.78
CA TRP A 165 17.37 6.93 -20.32
C TRP A 165 18.38 7.94 -19.81
N LYS A 166 19.56 7.34 -19.55
CA LYS A 166 20.76 8.04 -19.12
C LYS A 166 21.28 9.16 -20.01
N ALA A 167 21.65 10.25 -19.34
CA ALA A 167 22.32 11.39 -19.95
C ALA A 167 23.52 10.91 -20.76
N ASP A 168 23.70 11.41 -21.98
CA ASP A 168 24.78 11.01 -22.89
C ASP A 168 24.74 9.57 -23.38
N SER A 169 23.66 8.83 -23.13
CA SER A 169 23.52 7.50 -23.71
C SER A 169 23.03 7.76 -25.13
N ALA A 170 23.23 6.74 -25.97
CA ALA A 170 22.81 6.80 -27.36
C ALA A 170 21.29 6.97 -27.48
N ASP A 171 20.63 6.21 -26.59
CA ASP A 171 19.18 6.20 -26.34
C ASP A 171 18.61 7.54 -25.96
N ALA A 172 19.14 8.15 -24.88
CA ALA A 172 18.72 9.50 -24.47
C ALA A 172 18.92 10.54 -25.59
N GLU A 173 20.09 10.44 -26.26
CA GLU A 173 20.44 11.25 -27.40
C GLU A 173 19.40 11.13 -28.50
N LYS A 174 19.04 9.88 -28.77
CA LYS A 174 18.06 9.53 -29.79
C LYS A 174 16.71 10.08 -29.38
N VAL A 175 16.22 9.96 -28.13
CA VAL A 175 14.88 10.47 -27.91
C VAL A 175 14.94 12.02 -27.92
N ILE A 176 16.06 12.65 -27.47
CA ILE A 176 16.09 14.11 -27.42
C ILE A 176 16.11 14.68 -28.84
N LYS A 177 16.74 13.94 -29.76
CA LYS A 177 16.80 14.30 -31.17
C LYS A 177 15.40 14.23 -31.74
N PHE A 178 14.67 13.13 -31.46
CA PHE A 178 13.26 12.95 -31.87
C PHE A 178 12.38 14.06 -31.33
N LEU A 179 12.58 14.41 -30.05
CA LEU A 179 11.77 15.47 -29.41
C LEU A 179 12.04 16.86 -29.98
N ARG A 180 13.30 17.20 -30.26
CA ARG A 180 13.63 18.51 -30.81
C ARG A 180 13.37 18.59 -32.31
N GLU A 181 13.80 17.62 -33.11
CA GLU A 181 13.55 17.68 -34.54
C GLU A 181 12.18 17.22 -34.98
N GLU A 182 11.73 16.03 -34.61
CA GLU A 182 10.42 15.60 -35.05
C GLU A 182 9.32 16.23 -34.21
N MET A 183 9.44 16.41 -32.89
CA MET A 183 8.30 17.01 -32.22
C MET A 183 8.34 18.53 -32.10
N GLY A 184 9.48 19.16 -32.38
CA GLY A 184 9.61 20.60 -32.27
C GLY A 184 9.67 21.07 -30.83
N VAL A 185 10.19 20.29 -29.86
CA VAL A 185 10.19 20.82 -28.50
C VAL A 185 11.42 21.71 -28.39
N LYS A 186 11.08 22.95 -28.06
CA LYS A 186 12.05 24.03 -27.88
C LYS A 186 12.21 24.39 -26.40
N LYS A 187 11.85 23.49 -25.50
CA LYS A 187 11.75 23.79 -24.08
C LYS A 187 12.63 22.96 -23.15
N ILE A 188 13.51 22.11 -23.68
CA ILE A 188 14.53 21.41 -22.90
C ILE A 188 15.67 22.42 -22.71
N ARG A 189 15.95 22.95 -21.52
CA ARG A 189 16.97 24.01 -21.29
C ARG A 189 18.40 23.63 -21.70
N PHE A 190 18.74 22.39 -21.42
CA PHE A 190 20.03 21.79 -21.67
C PHE A 190 19.86 20.43 -22.32
N PRO A 191 19.84 20.35 -23.67
CA PRO A 191 19.75 19.09 -24.39
C PRO A 191 20.98 18.21 -24.32
N GLU A 192 22.15 18.76 -24.01
CA GLU A 192 23.31 17.91 -23.85
C GLU A 192 23.41 17.47 -22.39
N HIS A 193 24.01 16.31 -22.08
CA HIS A 193 24.13 15.73 -20.73
C HIS A 193 22.82 15.68 -19.93
N CYS A 194 21.78 15.16 -20.60
CA CYS A 194 20.43 15.25 -20.11
C CYS A 194 19.70 13.90 -20.02
N GLY A 195 19.40 13.44 -18.81
CA GLY A 195 18.58 12.26 -18.56
C GLY A 195 17.07 12.56 -18.83
N ILE A 196 16.43 11.60 -19.51
CA ILE A 196 15.01 11.71 -19.85
C ILE A 196 14.02 10.69 -19.21
N GLY A 197 13.09 11.13 -18.38
CA GLY A 197 12.04 10.28 -17.85
C GLY A 197 10.69 10.48 -18.57
N ILE A 198 9.95 9.37 -18.81
CA ILE A 198 8.61 9.40 -19.43
C ILE A 198 7.51 9.23 -18.36
N LYS A 199 6.51 10.08 -18.41
CA LYS A 199 5.40 10.02 -17.49
C LYS A 199 4.10 9.73 -18.28
N PRO A 200 3.57 8.48 -18.27
CA PRO A 200 2.26 8.17 -18.86
C PRO A 200 1.10 8.21 -17.89
N CYS A 201 -0.01 8.70 -18.42
CA CYS A 201 -1.29 8.65 -17.73
C CYS A 201 -2.42 8.30 -18.74
N SER A 202 -3.06 7.14 -18.61
CA SER A 202 -4.10 6.79 -19.53
C SER A 202 -5.47 6.84 -18.86
N GLU A 203 -6.53 6.88 -19.67
CA GLU A 203 -7.91 6.79 -19.19
C GLU A 203 -8.26 5.47 -18.51
N GLU A 204 -7.85 4.32 -19.09
CA GLU A 204 -8.14 3.03 -18.48
C GLU A 204 -7.44 2.95 -17.16
N GLY A 205 -6.19 3.42 -17.10
CA GLY A 205 -5.44 3.48 -15.86
C GLY A 205 -6.10 4.37 -14.80
N THR A 206 -6.64 5.56 -15.12
CA THR A 206 -7.17 6.32 -14.01
C THR A 206 -8.56 5.89 -13.66
N LYS A 207 -9.41 5.55 -14.66
CA LYS A 207 -10.78 5.13 -14.36
C LYS A 207 -10.80 3.80 -13.62
N ARG A 208 -9.93 2.78 -13.86
CA ARG A 208 -10.01 1.61 -12.98
C ARG A 208 -9.59 1.95 -11.56
N LEU A 209 -8.64 2.92 -11.31
CA LEU A 209 -8.30 3.21 -9.94
C LEU A 209 -9.37 4.05 -9.24
N VAL A 210 -9.89 5.08 -9.90
CA VAL A 210 -10.92 5.91 -9.31
C VAL A 210 -12.21 5.11 -9.03
N ARG A 211 -12.54 4.12 -9.85
CA ARG A 211 -13.73 3.27 -9.69
C ARG A 211 -13.59 2.48 -8.40
N ALA A 212 -12.41 1.88 -8.20
CA ALA A 212 -12.09 1.17 -6.94
C ALA A 212 -12.14 2.12 -5.74
N ALA A 213 -11.77 3.41 -5.91
CA ALA A 213 -11.86 4.37 -4.81
C ALA A 213 -13.31 4.74 -4.44
N ILE A 214 -14.22 5.01 -5.41
CA ILE A 214 -15.64 5.37 -5.13
C ILE A 214 -16.44 4.19 -4.54
N GLU A 215 -16.14 3.01 -5.07
CA GLU A 215 -16.68 1.77 -4.61
C GLU A 215 -16.28 1.51 -3.20
N TYR A 216 -15.02 1.81 -2.85
CA TYR A 216 -14.62 1.71 -1.46
C TYR A 216 -15.46 2.65 -0.60
N ALA A 217 -15.65 3.91 -1.07
CA ALA A 217 -16.40 4.90 -0.30
C ALA A 217 -17.90 4.54 -0.14
N ILE A 218 -18.52 3.85 -1.11
CA ILE A 218 -19.93 3.42 -1.04
C ILE A 218 -19.99 2.24 -0.08
N ALA A 219 -19.10 1.26 -0.27
CA ALA A 219 -19.05 0.10 0.61
C ALA A 219 -18.72 0.37 2.05
N ASN A 220 -18.27 1.57 2.40
CA ASN A 220 -17.83 1.80 3.75
C ASN A 220 -18.38 3.08 4.32
N ASP A 221 -19.36 3.61 3.58
CA ASP A 221 -19.99 4.90 3.78
C ASP A 221 -19.03 5.97 4.21
N ARG A 222 -18.05 6.22 3.40
CA ARG A 222 -17.09 7.26 3.70
C ARG A 222 -17.68 8.58 3.20
N ASP A 223 -17.32 9.74 3.72
CA ASP A 223 -17.92 10.99 3.31
C ASP A 223 -17.52 11.60 2.00
N SER A 224 -16.37 11.24 1.47
CA SER A 224 -15.81 11.88 0.24
C SER A 224 -14.61 11.16 -0.34
N VAL A 225 -14.49 11.50 -1.61
CA VAL A 225 -13.42 11.09 -2.47
C VAL A 225 -12.82 12.37 -3.03
N THR A 226 -11.53 12.51 -2.73
CA THR A 226 -10.73 13.64 -3.23
C THR A 226 -9.68 13.15 -4.25
N LEU A 227 -9.78 13.65 -5.47
CA LEU A 227 -8.78 13.37 -6.49
C LEU A 227 -7.69 14.46 -6.34
N VAL A 228 -6.48 14.04 -6.05
CA VAL A 228 -5.43 15.03 -5.85
C VAL A 228 -4.45 14.68 -6.92
N HIS A 229 -4.17 15.85 -7.49
CA HIS A 229 -3.43 15.95 -8.71
C HIS A 229 -2.59 17.26 -8.82
N LYS A 230 -1.65 17.33 -9.74
CA LYS A 230 -0.91 18.57 -10.00
C LYS A 230 -1.14 18.99 -11.48
N GLY A 231 -2.43 19.16 -11.80
CA GLY A 231 -2.89 19.37 -13.15
C GLY A 231 -2.82 20.78 -13.68
N ASN A 232 -2.63 21.79 -12.81
CA ASN A 232 -2.46 23.17 -13.27
C ASN A 232 -1.13 23.32 -13.99
N ILE A 233 -0.21 22.39 -13.72
CA ILE A 233 1.06 22.39 -14.39
C ILE A 233 1.11 21.22 -15.35
N MET A 234 0.71 20.00 -14.94
CA MET A 234 0.74 18.85 -15.85
C MET A 234 -0.69 18.57 -16.30
N LYS A 235 -1.05 19.32 -17.32
CA LYS A 235 -2.37 19.27 -17.86
C LYS A 235 -2.85 17.94 -18.47
N PHE A 236 -1.93 17.26 -19.15
CA PHE A 236 -2.30 16.11 -19.94
C PHE A 236 -2.02 14.78 -19.30
N THR A 237 -1.59 14.84 -18.05
CA THR A 237 -1.40 13.60 -17.31
C THR A 237 -2.13 13.80 -15.98
N GLU A 238 -1.65 14.64 -15.05
CA GLU A 238 -2.35 14.89 -13.79
C GLU A 238 -3.74 15.51 -13.96
N GLY A 239 -3.85 16.38 -14.96
CA GLY A 239 -5.06 17.09 -15.31
C GLY A 239 -6.07 16.15 -15.99
N ALA A 240 -5.51 15.25 -16.81
CA ALA A 240 -6.25 14.18 -17.45
C ALA A 240 -6.82 13.28 -16.37
N PHE A 241 -6.04 12.93 -15.34
CA PHE A 241 -6.46 12.11 -14.23
C PHE A 241 -7.64 12.75 -13.51
N LYS A 242 -7.64 14.05 -13.23
CA LYS A 242 -8.76 14.67 -12.53
C LYS A 242 -10.04 14.75 -13.41
N ASP A 243 -9.84 14.94 -14.71
CA ASP A 243 -10.97 15.01 -15.60
C ASP A 243 -11.60 13.67 -15.79
N TRP A 244 -10.84 12.63 -16.13
CA TRP A 244 -11.29 11.26 -16.23
C TRP A 244 -11.88 10.81 -14.89
N GLY A 245 -11.46 11.27 -13.72
CA GLY A 245 -12.05 10.81 -12.47
C GLY A 245 -13.43 11.40 -12.21
N TYR A 246 -13.65 12.63 -12.67
CA TYR A 246 -14.91 13.34 -12.47
C TYR A 246 -15.96 12.80 -13.43
N GLN A 247 -15.41 12.48 -14.63
CA GLN A 247 -16.17 11.94 -15.74
C GLN A 247 -16.71 10.60 -15.32
N LEU A 248 -15.86 9.68 -14.81
CA LEU A 248 -16.27 8.38 -14.36
C LEU A 248 -17.23 8.57 -13.20
N ALA A 249 -17.14 9.62 -12.37
CA ALA A 249 -18.13 9.72 -11.29
C ALA A 249 -19.51 10.13 -11.82
N ARG A 250 -19.56 10.98 -12.86
CA ARG A 250 -20.81 11.36 -13.52
C ARG A 250 -21.34 10.18 -14.34
N GLU A 251 -20.60 9.68 -15.34
CA GLU A 251 -21.01 8.56 -16.13
C GLU A 251 -21.33 7.25 -15.40
N GLU A 252 -20.55 6.73 -14.44
CA GLU A 252 -20.91 5.47 -13.81
C GLU A 252 -21.57 5.53 -12.43
N PHE A 253 -21.56 6.69 -11.76
CA PHE A 253 -22.11 6.75 -10.42
C PHE A 253 -23.18 7.79 -10.27
N GLY A 254 -23.59 8.40 -11.40
CA GLY A 254 -24.64 9.37 -11.40
C GLY A 254 -24.30 10.60 -10.61
N GLY A 255 -23.05 11.06 -10.80
CA GLY A 255 -22.59 12.24 -10.11
C GLY A 255 -23.33 13.50 -10.53
N GLU A 256 -23.63 14.34 -9.57
CA GLU A 256 -24.27 15.61 -9.83
C GLU A 256 -23.57 16.85 -9.26
N LEU A 257 -23.56 17.94 -10.02
CA LEU A 257 -23.00 19.20 -9.54
C LEU A 257 -23.49 19.71 -8.20
N ILE A 258 -22.58 20.12 -7.31
CA ILE A 258 -22.93 20.84 -6.11
C ILE A 258 -22.73 22.21 -6.74
N ASP A 259 -23.82 22.96 -6.89
CA ASP A 259 -23.96 24.05 -7.87
C ASP A 259 -22.89 25.00 -8.27
N GLY A 260 -22.81 24.95 -9.59
CA GLY A 260 -21.81 25.66 -10.37
C GLY A 260 -20.60 24.78 -10.58
N GLY A 261 -20.54 23.75 -9.71
CA GLY A 261 -19.39 22.86 -9.67
C GLY A 261 -18.07 23.53 -9.23
N PRO A 262 -16.95 22.81 -9.30
CA PRO A 262 -16.76 21.51 -9.92
C PRO A 262 -17.06 20.25 -9.11
N TRP A 263 -17.36 20.38 -7.82
CA TRP A 263 -17.61 19.18 -7.05
C TRP A 263 -18.98 18.53 -7.39
N LEU A 264 -18.95 17.19 -7.24
CA LEU A 264 -20.03 16.27 -7.48
C LEU A 264 -20.49 15.57 -6.23
N LYS A 265 -21.77 15.18 -6.33
CA LYS A 265 -22.41 14.33 -5.35
C LYS A 265 -22.70 12.98 -6.01
N VAL A 266 -22.47 11.98 -5.21
CA VAL A 266 -22.76 10.62 -5.51
C VAL A 266 -23.65 10.22 -4.36
N LYS A 267 -24.85 9.67 -4.61
CA LYS A 267 -25.65 9.17 -3.52
C LYS A 267 -25.25 7.71 -3.28
N ASN A 268 -24.97 7.35 -2.04
CA ASN A 268 -24.65 5.98 -1.71
C ASN A 268 -25.91 5.17 -1.89
N PRO A 269 -25.94 4.19 -2.82
CA PRO A 269 -27.10 3.35 -3.09
C PRO A 269 -27.53 2.50 -1.92
N ASN A 270 -26.77 2.48 -0.84
CA ASN A 270 -27.11 1.71 0.33
C ASN A 270 -27.44 2.58 1.53
N THR A 271 -26.70 3.62 1.88
CA THR A 271 -27.00 4.39 3.08
C THR A 271 -27.85 5.61 2.75
N GLY A 272 -27.91 5.94 1.46
CA GLY A 272 -28.69 7.07 1.01
C GLY A 272 -27.97 8.41 1.13
N LYS A 273 -26.85 8.40 1.88
CA LYS A 273 -25.98 9.57 2.09
C LYS A 273 -25.22 10.06 0.87
N GLU A 274 -24.79 11.32 0.84
CA GLU A 274 -24.02 11.79 -0.30
C GLU A 274 -22.53 11.89 -0.04
N ILE A 275 -21.86 11.28 -0.99
CA ILE A 275 -20.41 11.29 -1.09
C ILE A 275 -20.05 12.46 -1.97
N VAL A 276 -19.28 13.43 -1.46
CA VAL A 276 -18.74 14.53 -2.28
C VAL A 276 -17.48 14.02 -3.00
N ILE A 277 -17.44 14.24 -4.32
CA ILE A 277 -16.30 13.98 -5.20
C ILE A 277 -15.73 15.38 -5.45
N LYS A 278 -14.51 15.59 -4.96
CA LYS A 278 -13.84 16.88 -5.09
C LYS A 278 -12.36 16.71 -5.48
N ASP A 279 -11.66 17.81 -5.71
CA ASP A 279 -10.25 17.74 -6.13
C ASP A 279 -9.53 18.89 -5.47
N VAL A 280 -8.27 18.61 -5.17
CA VAL A 280 -7.36 19.66 -4.70
C VAL A 280 -5.99 19.36 -5.27
N ILE A 281 -5.33 20.49 -5.62
CA ILE A 281 -3.96 20.46 -6.15
C ILE A 281 -3.02 19.91 -5.07
N ALA A 282 -2.10 19.06 -5.57
CA ALA A 282 -1.23 18.25 -4.73
C ALA A 282 -0.42 19.00 -3.68
N ASP A 283 0.13 20.15 -4.12
CA ASP A 283 0.96 20.91 -3.19
C ASP A 283 0.14 21.65 -2.12
N ALA A 284 -1.02 22.22 -2.46
CA ALA A 284 -1.92 22.76 -1.47
C ALA A 284 -2.50 21.61 -0.60
N PHE A 285 -2.66 20.38 -1.15
CA PHE A 285 -3.14 19.24 -0.39
C PHE A 285 -2.20 18.85 0.75
N LEU A 286 -0.89 18.86 0.46
CA LEU A 286 0.14 18.58 1.44
C LEU A 286 0.06 19.55 2.61
N GLN A 287 -0.50 20.74 2.42
CA GLN A 287 -0.68 21.72 3.48
C GLN A 287 -2.00 21.52 4.24
N GLN A 288 -3.01 21.15 3.42
CA GLN A 288 -4.37 20.90 3.88
C GLN A 288 -4.42 19.74 4.83
N ILE A 289 -3.66 18.67 4.61
CA ILE A 289 -3.72 17.54 5.53
C ILE A 289 -3.20 17.88 6.90
N LEU A 290 -2.45 18.97 7.03
CA LEU A 290 -1.90 19.35 8.31
C LEU A 290 -2.79 20.35 9.04
N LEU A 291 -3.38 21.26 8.25
CA LEU A 291 -4.26 22.30 8.71
C LEU A 291 -5.74 21.96 8.88
N ARG A 292 -6.26 21.04 8.09
CA ARG A 292 -7.67 20.74 8.11
C ARG A 292 -7.82 19.28 7.77
N PRO A 293 -7.20 18.30 8.43
CA PRO A 293 -7.32 16.87 8.09
C PRO A 293 -8.76 16.29 8.13
N ALA A 294 -9.62 16.87 9.00
CA ALA A 294 -10.96 16.35 9.16
C ALA A 294 -11.84 16.55 7.94
N GLU A 295 -11.44 17.45 7.03
CA GLU A 295 -12.05 17.73 5.78
C GLU A 295 -11.83 16.64 4.70
N TYR A 296 -10.97 15.62 4.92
CA TYR A 296 -10.62 14.66 3.88
C TYR A 296 -10.75 13.24 4.36
N ASP A 297 -10.86 12.35 3.40
CA ASP A 297 -11.30 11.02 3.74
C ASP A 297 -10.77 9.98 2.80
N VAL A 298 -11.43 9.69 1.68
CA VAL A 298 -10.84 8.78 0.72
C VAL A 298 -10.12 9.66 -0.28
N ILE A 299 -8.95 9.12 -0.63
CA ILE A 299 -8.07 9.86 -1.48
C ILE A 299 -7.70 9.05 -2.72
N ALA A 300 -7.82 9.62 -3.90
CA ALA A 300 -7.38 8.97 -5.13
C ALA A 300 -6.36 9.88 -5.82
N CYS A 301 -5.27 9.23 -6.17
CA CYS A 301 -4.13 9.87 -6.78
C CYS A 301 -3.26 8.92 -7.58
N MET A 302 -2.42 9.56 -8.42
CA MET A 302 -1.41 8.87 -9.22
C MET A 302 -0.24 8.31 -8.41
N ASN A 303 0.70 7.61 -9.07
CA ASN A 303 1.74 6.86 -8.35
C ASN A 303 2.61 7.65 -7.40
N LEU A 304 3.31 8.66 -7.93
CA LEU A 304 4.24 9.46 -7.16
C LEU A 304 3.58 10.24 -6.05
N ASN A 305 2.44 10.90 -6.40
CA ASN A 305 1.72 11.70 -5.39
C ASN A 305 1.23 10.86 -4.24
N GLY A 306 0.70 9.68 -4.57
CA GLY A 306 0.24 8.71 -3.60
C GLY A 306 1.36 8.28 -2.70
N ASP A 307 2.55 8.02 -3.22
CA ASP A 307 3.76 7.70 -2.45
C ASP A 307 4.11 8.78 -1.40
N TYR A 308 4.05 10.05 -1.80
CA TYR A 308 4.40 11.14 -0.93
C TYR A 308 3.33 11.38 0.14
N ILE A 309 2.04 11.37 -0.31
CA ILE A 309 0.84 11.61 0.52
C ILE A 309 0.83 10.57 1.63
N SER A 310 1.00 9.29 1.30
CA SER A 310 0.94 8.25 2.31
C SER A 310 2.07 8.36 3.33
N ASP A 311 3.30 8.70 2.84
CA ASP A 311 4.44 8.85 3.71
C ASP A 311 4.26 10.02 4.64
N ALA A 312 3.84 11.19 4.17
CA ALA A 312 3.56 12.38 4.98
C ALA A 312 2.49 12.16 6.07
N LEU A 313 1.37 11.50 5.66
CA LEU A 313 0.19 11.26 6.51
C LEU A 313 0.55 10.31 7.63
N ALA A 314 1.31 9.26 7.29
CA ALA A 314 1.77 8.26 8.25
C ALA A 314 2.73 8.86 9.30
N ALA A 315 3.53 9.89 8.91
CA ALA A 315 4.42 10.58 9.84
C ALA A 315 3.60 11.48 10.77
N GLN A 316 2.54 12.12 10.28
CA GLN A 316 1.80 13.00 11.17
C GLN A 316 1.05 12.19 12.24
N VAL A 317 0.52 10.96 12.01
CA VAL A 317 -0.09 10.14 13.05
C VAL A 317 0.89 9.24 13.85
N GLY A 318 2.20 9.43 13.72
CA GLY A 318 3.14 8.65 14.49
C GLY A 318 3.23 7.22 14.05
N GLY A 319 2.72 6.97 12.84
CA GLY A 319 2.69 5.60 12.35
C GLY A 319 3.70 5.24 11.28
N ILE A 320 4.89 5.86 11.15
CA ILE A 320 5.88 5.42 10.16
C ILE A 320 6.20 3.92 10.28
N GLY A 321 6.18 3.35 11.50
CA GLY A 321 6.52 1.93 11.65
C GLY A 321 5.30 1.02 11.80
N ILE A 322 4.08 1.58 11.86
CA ILE A 322 2.86 0.79 11.89
C ILE A 322 1.87 1.10 10.76
N ALA A 323 2.35 1.61 9.64
CA ALA A 323 1.51 1.91 8.52
C ALA A 323 1.33 0.68 7.64
N PRO A 324 0.06 0.24 7.45
CA PRO A 324 -0.27 -0.96 6.66
C PRO A 324 -0.38 -0.62 5.20
N GLY A 325 -0.31 -1.62 4.34
CA GLY A 325 -0.52 -1.37 2.94
C GLY A 325 -0.88 -2.63 2.18
N ALA A 326 -1.66 -2.45 1.11
CA ALA A 326 -1.99 -3.50 0.15
C ALA A 326 -1.82 -3.09 -1.30
N ASN A 327 -1.57 -4.07 -2.12
CA ASN A 327 -1.54 -3.92 -3.56
C ASN A 327 -2.56 -4.92 -4.12
N ILE A 328 -3.63 -4.35 -4.66
CA ILE A 328 -4.74 -5.11 -5.15
C ILE A 328 -4.95 -5.01 -6.65
N GLY A 329 -4.93 -6.15 -7.28
CA GLY A 329 -5.34 -6.20 -8.67
C GLY A 329 -6.61 -7.05 -8.78
N ASP A 330 -7.01 -7.39 -10.01
CA ASP A 330 -8.20 -8.19 -10.24
C ASP A 330 -8.09 -9.66 -9.95
N GLU A 331 -6.85 -10.15 -10.00
CA GLU A 331 -6.59 -11.56 -9.82
C GLU A 331 -5.90 -11.97 -8.54
N CYS A 332 -5.26 -11.02 -7.86
CA CYS A 332 -4.56 -11.28 -6.61
C CYS A 332 -4.24 -10.02 -5.82
N ALA A 333 -3.81 -10.24 -4.60
CA ALA A 333 -3.53 -9.18 -3.67
C ALA A 333 -2.32 -9.60 -2.88
N LEU A 334 -1.55 -8.53 -2.69
CA LEU A 334 -0.27 -8.54 -2.02
C LEU A 334 -0.23 -7.49 -0.94
N PHE A 335 -0.29 -7.97 0.29
CA PHE A 335 -0.24 -7.16 1.51
C PHE A 335 1.23 -7.01 2.00
N GLU A 336 1.61 -5.84 2.52
CA GLU A 336 3.03 -5.58 2.80
C GLU A 336 3.38 -4.61 3.93
N ALA A 337 4.56 -4.87 4.48
CA ALA A 337 5.16 -3.97 5.47
C ALA A 337 5.56 -2.78 4.59
N THR A 338 5.24 -1.57 5.00
CA THR A 338 5.50 -0.46 4.11
C THR A 338 6.85 0.25 4.33
N HIS A 339 7.55 -0.15 5.38
CA HIS A 339 8.86 0.35 5.76
C HIS A 339 9.99 -0.41 5.09
N GLY A 340 11.21 0.06 5.33
CA GLY A 340 12.40 -0.52 4.72
C GLY A 340 12.95 -1.66 5.53
N THR A 341 13.99 -2.29 5.00
CA THR A 341 14.63 -3.40 5.67
C THR A 341 15.46 -3.12 6.90
N ALA A 342 15.77 -1.87 7.25
CA ALA A 342 16.60 -1.48 8.40
C ALA A 342 17.72 -2.42 8.87
N PRO A 343 18.74 -2.67 8.02
CA PRO A 343 19.77 -3.70 8.22
C PRO A 343 20.57 -3.59 9.51
N LYS A 344 20.67 -2.40 10.11
CA LYS A 344 21.40 -2.24 11.35
C LYS A 344 20.79 -3.05 12.45
N TYR A 345 19.47 -2.98 12.50
CA TYR A 345 18.73 -3.63 13.56
C TYR A 345 18.40 -5.08 13.24
N ALA A 346 18.61 -5.55 12.01
CA ALA A 346 18.22 -6.88 11.65
C ALA A 346 18.73 -7.97 12.57
N GLY A 347 17.80 -8.80 13.02
CA GLY A 347 18.13 -9.93 13.87
C GLY A 347 18.15 -9.60 15.35
N GLN A 348 18.00 -8.33 15.70
CA GLN A 348 18.06 -7.95 17.08
C GLN A 348 16.75 -8.04 17.85
N ASP A 349 15.67 -8.43 17.14
CA ASP A 349 14.34 -8.52 17.72
C ASP A 349 13.90 -7.23 18.42
N LYS A 350 14.03 -6.07 17.78
CA LYS A 350 13.66 -4.82 18.44
C LYS A 350 12.77 -3.91 17.67
N VAL A 351 12.72 -4.01 16.36
CA VAL A 351 11.84 -3.13 15.63
C VAL A 351 10.35 -3.48 15.80
N ASN A 352 9.55 -2.43 15.56
CA ASN A 352 8.08 -2.46 15.54
C ASN A 352 7.54 -3.42 14.46
N PRO A 353 6.89 -4.55 14.83
CA PRO A 353 6.19 -5.43 13.88
C PRO A 353 4.76 -4.97 13.44
N GLY A 354 4.38 -3.78 13.96
CA GLY A 354 3.17 -3.04 13.71
C GLY A 354 2.72 -2.90 12.28
N SER A 355 3.60 -2.53 11.35
CA SER A 355 3.22 -2.45 9.96
C SER A 355 2.79 -3.77 9.29
N ILE A 356 3.57 -4.84 9.46
CA ILE A 356 3.24 -6.07 8.81
C ILE A 356 2.04 -6.74 9.50
N ILE A 357 1.83 -6.44 10.80
CA ILE A 357 0.72 -7.02 11.52
C ILE A 357 -0.56 -6.35 11.07
N LEU A 358 -0.58 -5.02 10.94
CA LEU A 358 -1.77 -4.34 10.49
C LEU A 358 -2.06 -4.59 9.00
N SER A 359 -1.03 -4.95 8.23
CA SER A 359 -1.25 -5.34 6.87
C SER A 359 -1.87 -6.74 6.81
N ALA A 360 -1.59 -7.54 7.86
CA ALA A 360 -2.15 -8.85 7.99
C ALA A 360 -3.62 -8.63 8.36
N GLU A 361 -4.02 -7.60 9.15
CA GLU A 361 -5.41 -7.42 9.46
C GLU A 361 -6.15 -7.08 8.18
N MET A 362 -5.56 -6.28 7.30
CA MET A 362 -6.13 -5.96 5.99
C MET A 362 -6.26 -7.22 5.16
N MET A 363 -5.36 -8.18 5.30
CA MET A 363 -5.40 -9.40 4.54
C MET A 363 -6.61 -10.27 4.96
N LEU A 364 -6.67 -10.48 6.30
CA LEU A 364 -7.74 -11.20 6.95
C LEU A 364 -9.13 -10.65 6.58
N ARG A 365 -9.20 -9.33 6.55
CA ARG A 365 -10.41 -8.61 6.27
C ARG A 365 -10.83 -8.84 4.83
N HIS A 366 -9.82 -8.79 3.94
CA HIS A 366 -10.01 -8.99 2.52
C HIS A 366 -10.48 -10.41 2.20
N MET A 367 -10.01 -11.35 3.05
CA MET A 367 -10.39 -12.75 2.91
C MET A 367 -11.79 -13.02 3.45
N GLY A 368 -12.38 -12.05 4.16
CA GLY A 368 -13.66 -12.19 4.76
C GLY A 368 -13.54 -12.57 6.21
N TRP A 369 -12.34 -12.79 6.75
CA TRP A 369 -12.19 -13.15 8.15
C TRP A 369 -12.07 -11.96 9.08
N THR A 370 -13.19 -11.26 9.02
CA THR A 370 -13.45 -10.04 9.77
C THR A 370 -13.27 -10.09 11.27
N GLU A 371 -13.61 -11.24 11.85
CA GLU A 371 -13.55 -11.36 13.30
C GLU A 371 -12.10 -11.47 13.78
N ALA A 372 -11.30 -12.25 13.02
CA ALA A 372 -9.90 -12.44 13.32
C ALA A 372 -9.17 -11.08 13.17
N ALA A 373 -9.57 -10.35 12.11
CA ALA A 373 -9.06 -9.03 11.74
C ALA A 373 -9.34 -8.01 12.80
N ASP A 374 -10.54 -8.09 13.40
CA ASP A 374 -10.96 -7.21 14.47
C ASP A 374 -10.25 -7.45 15.76
N LEU A 375 -9.90 -8.71 16.01
CA LEU A 375 -9.16 -9.06 17.20
C LEU A 375 -7.74 -8.44 17.12
N ILE A 376 -7.12 -8.37 15.93
CA ILE A 376 -5.78 -7.82 15.75
C ILE A 376 -5.80 -6.33 15.97
N VAL A 377 -6.84 -5.60 15.51
CA VAL A 377 -6.77 -4.18 15.78
C VAL A 377 -7.17 -3.89 17.22
N LYS A 378 -7.85 -4.80 17.90
CA LYS A 378 -8.18 -4.66 19.29
C LYS A 378 -6.92 -4.84 20.17
N GLY A 379 -6.14 -5.86 19.81
CA GLY A 379 -4.81 -6.15 20.41
C GLY A 379 -3.87 -4.94 20.29
N MET A 380 -3.77 -4.41 19.09
CA MET A 380 -3.00 -3.22 18.77
C MET A 380 -3.35 -2.00 19.60
N GLU A 381 -4.64 -1.62 19.59
CA GLU A 381 -5.08 -0.49 20.38
C GLU A 381 -4.77 -0.70 21.85
N GLY A 382 -4.78 -1.96 22.29
CA GLY A 382 -4.62 -2.27 23.69
C GLY A 382 -3.21 -2.25 24.17
N ALA A 383 -2.31 -2.77 23.33
CA ALA A 383 -0.86 -2.78 23.62
C ALA A 383 -0.35 -1.33 23.75
N ILE A 384 -0.80 -0.50 22.80
CA ILE A 384 -0.40 0.87 22.70
C ILE A 384 -0.89 1.70 23.84
N ASN A 385 -2.13 1.48 24.17
CA ASN A 385 -2.74 2.13 25.28
C ASN A 385 -2.14 1.69 26.61
N ALA A 386 -1.63 0.47 26.64
CA ALA A 386 -1.02 -0.09 27.83
C ALA A 386 0.39 0.44 27.99
N LYS A 387 0.87 1.23 27.00
CA LYS A 387 2.19 1.82 26.87
C LYS A 387 3.22 0.71 26.92
N THR A 388 2.81 -0.45 26.40
CA THR A 388 3.65 -1.63 26.44
C THR A 388 4.06 -1.80 24.99
N VAL A 389 5.26 -1.21 24.83
CA VAL A 389 5.72 -0.81 23.53
C VAL A 389 7.19 -1.05 23.19
N THR A 390 7.35 -1.13 21.89
CA THR A 390 8.63 -1.27 21.18
C THR A 390 9.52 0.03 21.22
N TYR A 391 10.87 -0.03 21.04
CA TYR A 391 11.79 1.12 21.26
C TYR A 391 11.48 2.44 20.56
N ASP A 392 11.05 2.34 19.30
CA ASP A 392 10.65 3.47 18.49
C ASP A 392 9.49 4.26 19.04
N PHE A 393 8.57 3.64 19.81
CA PHE A 393 7.52 4.43 20.45
C PHE A 393 7.93 4.82 21.88
N GLU A 394 8.70 3.96 22.54
CA GLU A 394 9.07 4.19 23.92
C GLU A 394 9.99 5.38 24.13
N ARG A 395 10.93 5.67 23.19
CA ARG A 395 11.80 6.82 23.25
C ARG A 395 10.97 8.05 23.52
N LEU A 396 9.96 8.22 22.65
CA LEU A 396 9.09 9.40 22.64
C LEU A 396 8.02 9.41 23.69
N MET A 397 7.90 8.35 24.50
CA MET A 397 6.83 8.25 25.47
C MET A 397 7.34 8.36 26.89
N ASP A 398 6.55 8.93 27.77
CA ASP A 398 6.88 8.92 29.18
C ASP A 398 6.02 7.91 29.91
N GLY A 399 6.67 6.94 30.53
CA GLY A 399 5.97 5.95 31.32
C GLY A 399 5.81 4.62 30.63
N ALA A 400 6.38 4.46 29.44
CA ALA A 400 6.27 3.22 28.69
C ALA A 400 7.12 2.07 29.22
N LYS A 401 6.74 0.85 28.88
CA LYS A 401 7.50 -0.35 29.18
C LYS A 401 8.08 -0.80 27.85
N LEU A 402 9.40 -1.00 27.78
CA LEU A 402 10.03 -1.40 26.56
C LEU A 402 10.08 -2.90 26.36
N LEU A 403 9.54 -3.33 25.23
CA LEU A 403 9.46 -4.70 24.84
C LEU A 403 10.24 -4.90 23.57
N LYS A 404 10.75 -6.11 23.38
CA LYS A 404 11.37 -6.51 22.13
C LYS A 404 10.26 -6.68 21.09
N CYS A 405 10.64 -6.79 19.81
CA CYS A 405 9.71 -7.04 18.73
C CYS A 405 8.78 -8.26 18.98
N SER A 406 9.33 -9.36 19.47
CA SER A 406 8.57 -10.56 19.71
C SER A 406 7.54 -10.32 20.83
N GLU A 407 7.99 -9.60 21.86
CA GLU A 407 7.17 -9.35 23.00
C GLU A 407 5.99 -8.47 22.70
N PHE A 408 6.15 -7.57 21.71
CA PHE A 408 5.07 -6.66 21.37
C PHE A 408 3.98 -7.48 20.65
N GLY A 409 4.42 -8.53 19.89
CA GLY A 409 3.50 -9.48 19.29
C GLY A 409 2.63 -10.06 20.44
N ASP A 410 3.31 -10.61 21.47
CA ASP A 410 2.62 -11.13 22.66
C ASP A 410 1.78 -10.09 23.38
N ALA A 411 2.17 -8.81 23.39
CA ALA A 411 1.32 -7.81 23.95
C ALA A 411 0.06 -7.71 23.09
N ILE A 412 0.15 -7.91 21.76
CA ILE A 412 -1.02 -7.78 20.91
C ILE A 412 -1.99 -8.94 21.21
N ILE A 413 -1.44 -10.14 21.42
CA ILE A 413 -2.24 -11.31 21.73
C ILE A 413 -2.83 -11.11 23.12
N GLU A 414 -2.10 -10.78 24.19
CA GLU A 414 -2.69 -10.45 25.49
C GLU A 414 -3.75 -9.34 25.47
N ASN A 415 -3.87 -8.46 24.48
CA ASN A 415 -4.91 -7.45 24.47
C ASN A 415 -6.09 -7.78 23.55
N MET A 416 -6.10 -9.03 23.10
CA MET A 416 -7.11 -9.55 22.21
C MET A 416 -8.40 -9.99 22.91
#